data_5N82
#
_entry.id   5N82
#
_cell.length_a   59.611
_cell.length_b   60.368
_cell.length_c   123.778
_cell.angle_alpha   90.00
_cell.angle_beta   90.00
_cell.angle_gamma   90.00
#
_symmetry.space_group_name_H-M   'P 21 21 21'
#
loop_
_entity.id
_entity.type
_entity.pdbx_description
1 polymer 'Tyrocidine synthase 1'
2 non-polymer 'SULFATE ION'
3 non-polymer 2-[BIS-(2-HYDROXY-ETHYL)-AMINO]-2-HYDROXYMETHYL-PROPANE-1,3-DIOL
4 non-polymer '[(2~{R},3~{S},4~{R},5~{R})-5-(6-aminopurin-9-yl)-3,4-bis(oxidanyl)oxolan-2-yl]methyl ~{N}-[(3~{S})-3-azanyl-3-phenyl-propanoyl]sulfamate'
5 water water
#
_entity_poly.entity_id   1
_entity_poly.type   'polypeptide(L)'
_entity_poly.pdbx_seq_one_letter_code
;MHHHHHHSGRSVANQANLIDNKRELEQHALVPYAQGKSIHQLFEEQAEAFPDRVAIVFENRRLSYQELNRKANQLARALL
EKGVQTDSIVGVMMEKSIENVIAILAVLKAGGAYVPIDIEYPRDRIQYILQDSQTKIVLTQKSVSQLVHDVGYSGEVVVL
DEEQLDARETANLHQPSKPTDLAYVIYTSGTTGKPKGTMLEHKGIANLQSFFQNSFGVTEQDRIGLFASMSFDVSVWEMF
MALLSGASLYILSKQTIHDFAAFEHYLSENELTIITLPPTYLTHLTPERITSLRIMITAGSASSAPLVNKWKDKLRYINA
YGPTECLVATIWEAPSNQLSVQSVPIGKPIQNTHIYIVNEDLQLLPTGSEGELCIGGVGLARGYWNRPDLTAEKFVDNPF
VPGEKMYRTGDLAKWLTDGTIEFLGRI
;
_entity_poly.pdbx_strand_id   A
#
# COMPACT_ATOMS: atom_id res chain seq x y z
N LEU A 30 -9.20 12.92 -17.72
CA LEU A 30 -9.25 11.88 -16.69
C LEU A 30 -8.94 10.52 -17.30
N VAL A 31 -7.94 9.83 -16.77
CA VAL A 31 -7.68 8.45 -17.17
C VAL A 31 -8.75 7.57 -16.53
N PRO A 32 -9.43 6.71 -17.28
CA PRO A 32 -10.51 5.91 -16.68
C PRO A 32 -10.03 5.05 -15.53
N TYR A 33 -10.89 4.95 -14.52
CA TYR A 33 -10.75 3.98 -13.43
C TYR A 33 -12.14 3.78 -12.86
N ALA A 34 -12.27 2.86 -11.90
CA ALA A 34 -13.58 2.53 -11.32
C ALA A 34 -13.92 3.62 -10.30
N GLN A 35 -14.36 4.77 -10.84
CA GLN A 35 -14.50 5.99 -10.03
C GLN A 35 -15.42 5.80 -8.82
N GLY A 36 -16.57 5.17 -9.03
CA GLY A 36 -17.53 5.06 -7.96
C GLY A 36 -17.43 3.82 -7.09
N LYS A 37 -16.40 3.00 -7.26
CA LYS A 37 -16.33 1.71 -6.59
C LYS A 37 -15.37 1.74 -5.40
N SER A 38 -15.68 0.93 -4.39
CA SER A 38 -14.87 0.77 -3.19
C SER A 38 -13.81 -0.31 -3.43
N ILE A 39 -12.82 -0.33 -2.54
CA ILE A 39 -11.75 -1.33 -2.63
C ILE A 39 -12.34 -2.73 -2.56
N HIS A 40 -13.19 -2.98 -1.54
CA HIS A 40 -13.76 -4.31 -1.40
C HIS A 40 -14.68 -4.65 -2.57
N GLN A 41 -15.38 -3.65 -3.13
CA GLN A 41 -16.19 -3.90 -4.33
C GLN A 41 -15.32 -4.37 -5.49
N LEU A 42 -14.14 -3.78 -5.65
CA LEU A 42 -13.25 -4.20 -6.72
C LEU A 42 -12.69 -5.59 -6.44
N PHE A 43 -12.35 -5.87 -5.18
CA PHE A 43 -11.93 -7.22 -4.84
C PHE A 43 -13.04 -8.24 -5.15
N GLU A 44 -14.28 -7.90 -4.80
CA GLU A 44 -15.40 -8.80 -5.05
C GLU A 44 -15.60 -9.07 -6.55
N GLU A 45 -15.32 -8.07 -7.39
CA GLU A 45 -15.35 -8.32 -8.83
C GLU A 45 -14.31 -9.37 -9.23
N GLN A 46 -13.12 -9.30 -8.64
CA GLN A 46 -12.11 -10.30 -8.96
C GLN A 46 -12.54 -11.67 -8.45
N ALA A 47 -13.16 -11.73 -7.27
CA ALA A 47 -13.57 -13.03 -6.73
C ALA A 47 -14.69 -13.63 -7.55
N GLU A 48 -15.55 -12.78 -8.12
CA GLU A 48 -16.63 -13.27 -8.98
C GLU A 48 -16.09 -13.76 -10.32
N ALA A 49 -15.09 -13.07 -10.86
CA ALA A 49 -14.50 -13.45 -12.14
C ALA A 49 -13.53 -14.62 -12.02
N PHE A 50 -12.83 -14.74 -10.88
CA PHE A 50 -11.75 -15.71 -10.74
C PHE A 50 -11.92 -16.54 -9.48
N PRO A 51 -13.11 -17.09 -9.23
CA PRO A 51 -13.38 -17.72 -7.92
C PRO A 51 -12.38 -18.80 -7.55
N ASP A 52 -11.93 -19.59 -8.52
CA ASP A 52 -11.09 -20.74 -8.25
C ASP A 52 -9.60 -20.46 -8.42
N ARG A 53 -9.22 -19.24 -8.77
CA ARG A 53 -7.80 -18.93 -8.82
C ARG A 53 -7.25 -18.74 -7.41
N VAL A 54 -5.96 -19.03 -7.25
CA VAL A 54 -5.29 -18.79 -5.97
C VAL A 54 -5.24 -17.28 -5.74
N ALA A 55 -5.72 -16.85 -4.58
CA ALA A 55 -5.65 -15.45 -4.17
C ALA A 55 -4.46 -15.17 -3.26
N ILE A 56 -4.12 -16.09 -2.37
CA ILE A 56 -3.13 -15.77 -1.35
C ILE A 56 -2.44 -17.04 -0.90
N VAL A 57 -1.14 -16.93 -0.68
CA VAL A 57 -0.29 -18.05 -0.27
C VAL A 57 0.54 -17.60 0.92
N PHE A 58 0.62 -18.44 1.95
CA PHE A 58 1.56 -18.21 3.04
C PHE A 58 2.09 -19.58 3.45
N GLU A 59 3.37 -19.82 3.21
CA GLU A 59 4.02 -21.09 3.55
C GLU A 59 3.23 -22.20 2.88
N ASN A 60 2.70 -23.18 3.59
CA ASN A 60 2.04 -24.31 2.98
C ASN A 60 0.53 -24.15 2.90
N ARG A 61 0.02 -22.95 3.13
CA ARG A 61 -1.41 -22.70 3.07
C ARG A 61 -1.72 -21.77 1.91
N ARG A 62 -2.91 -21.95 1.33
CA ARG A 62 -3.37 -21.02 0.30
C ARG A 62 -4.89 -21.01 0.28
N LEU A 63 -5.45 -19.92 -0.24
CA LEU A 63 -6.89 -19.77 -0.38
C LEU A 63 -7.20 -19.30 -1.79
N SER A 64 -8.29 -19.82 -2.36
CA SER A 64 -8.79 -19.28 -3.61
C SER A 64 -9.46 -17.93 -3.36
N TYR A 65 -9.73 -17.20 -4.44
CA TYR A 65 -10.50 -15.97 -4.31
C TYR A 65 -11.85 -16.22 -3.65
N GLN A 66 -12.55 -17.29 -4.05
CA GLN A 66 -13.85 -17.55 -3.46
C GLN A 66 -13.73 -17.82 -1.97
N GLU A 67 -12.74 -18.61 -1.56
CA GLU A 67 -12.56 -18.92 -0.14
C GLU A 67 -12.19 -17.68 0.65
N LEU A 68 -11.26 -16.87 0.12
CA LEU A 68 -10.86 -15.65 0.82
C LEU A 68 -12.03 -14.70 0.96
N ASN A 69 -12.81 -14.53 -0.11
CA ASN A 69 -13.95 -13.63 -0.07
C ASN A 69 -14.99 -14.10 0.94
N ARG A 70 -15.29 -15.40 0.96
CA ARG A 70 -16.28 -15.92 1.90
C ARG A 70 -15.82 -15.72 3.34
N LYS A 71 -14.57 -16.06 3.63
CA LYS A 71 -14.06 -15.89 4.99
C LYS A 71 -14.08 -14.43 5.40
N ALA A 72 -13.76 -13.53 4.48
CA ALA A 72 -13.81 -12.11 4.81
C ALA A 72 -15.24 -11.64 5.05
N ASN A 73 -16.19 -12.20 4.30
CA ASN A 73 -17.60 -11.83 4.50
C ASN A 73 -18.09 -12.30 5.87
N GLN A 74 -17.70 -13.51 6.26
CA GLN A 74 -18.09 -14.03 7.58
C GLN A 74 -17.57 -13.12 8.68
N LEU A 75 -16.29 -12.76 8.63
CA LEU A 75 -15.73 -11.86 9.64
C LEU A 75 -16.36 -10.47 9.56
N ALA A 76 -16.63 -9.99 8.33
CA ALA A 76 -17.23 -8.67 8.19
C ALA A 76 -18.58 -8.61 8.90
N ARG A 77 -19.38 -9.66 8.82
CA ARG A 77 -20.66 -9.65 9.52
C ARG A 77 -20.46 -9.63 11.02
N ALA A 78 -19.45 -10.34 11.52
CA ALA A 78 -19.15 -10.28 12.95
C ALA A 78 -18.73 -8.87 13.37
N LEU A 79 -17.97 -8.18 12.50
CA LEU A 79 -17.54 -6.82 12.82
C LEU A 79 -18.70 -5.84 12.78
N LEU A 80 -19.65 -6.02 11.87
CA LEU A 80 -20.83 -5.16 11.86
C LEU A 80 -21.57 -5.22 13.20
N GLU A 81 -21.75 -6.42 13.74
CA GLU A 81 -22.43 -6.55 15.02
C GLU A 81 -21.70 -5.82 16.13
N LYS A 82 -20.40 -5.54 15.96
CA LYS A 82 -19.60 -4.90 16.99
C LYS A 82 -19.44 -3.40 16.77
N GLY A 83 -20.17 -2.82 15.81
CA GLY A 83 -20.24 -1.38 15.69
C GLY A 83 -19.47 -0.76 14.54
N VAL A 84 -18.76 -1.55 13.72
CA VAL A 84 -18.00 -0.98 12.62
C VAL A 84 -18.94 -0.30 11.65
N GLN A 85 -18.61 0.93 11.26
CA GLN A 85 -19.43 1.70 10.34
C GLN A 85 -18.51 2.62 9.53
N THR A 86 -19.12 3.51 8.75
CA THR A 86 -18.33 4.43 7.93
C THR A 86 -17.32 5.19 8.77
N ASP A 87 -16.07 5.23 8.30
CA ASP A 87 -14.98 5.94 8.92
C ASP A 87 -14.62 5.40 10.31
N SER A 88 -15.19 4.26 10.73
CA SER A 88 -14.67 3.60 11.93
C SER A 88 -13.25 3.14 11.67
N ILE A 89 -12.36 3.37 12.62
CA ILE A 89 -10.97 2.93 12.54
C ILE A 89 -10.84 1.66 13.37
N VAL A 90 -10.38 0.57 12.75
CA VAL A 90 -10.25 -0.72 13.41
C VAL A 90 -8.77 -1.08 13.46
N GLY A 91 -8.26 -1.27 14.68
CA GLY A 91 -6.86 -1.63 14.82
C GLY A 91 -6.61 -3.07 14.43
N VAL A 92 -5.42 -3.32 13.88
CA VAL A 92 -5.00 -4.67 13.52
C VAL A 92 -3.64 -4.92 14.15
N MET A 93 -3.57 -5.90 15.05
CA MET A 93 -2.32 -6.27 15.70
C MET A 93 -2.13 -7.77 15.45
N MET A 94 -1.48 -8.07 14.33
CA MET A 94 -1.33 -9.46 13.90
C MET A 94 0.02 -9.65 13.23
N GLU A 95 0.46 -10.90 13.21
CA GLU A 95 1.54 -11.32 12.34
C GLU A 95 1.05 -11.35 10.90
N LYS A 96 1.97 -11.13 9.96
CA LYS A 96 1.62 -11.27 8.56
C LYS A 96 1.29 -12.72 8.25
N SER A 97 0.15 -12.94 7.59
CA SER A 97 -0.45 -14.26 7.43
C SER A 97 -1.67 -14.10 6.55
N ILE A 98 -2.24 -15.23 6.13
CA ILE A 98 -3.49 -15.17 5.38
C ILE A 98 -4.56 -14.47 6.22
N GLU A 99 -4.63 -14.78 7.51
CA GLU A 99 -5.68 -14.22 8.37
C GLU A 99 -5.51 -12.71 8.52
N ASN A 100 -4.29 -12.21 8.39
CA ASN A 100 -4.07 -10.76 8.40
C ASN A 100 -4.81 -10.10 7.25
N VAL A 101 -4.79 -10.74 6.08
CA VAL A 101 -5.47 -10.17 4.92
C VAL A 101 -6.97 -10.34 5.02
N ILE A 102 -7.43 -11.48 5.54
CA ILE A 102 -8.85 -11.65 5.82
C ILE A 102 -9.36 -10.53 6.72
N ALA A 103 -8.58 -10.18 7.76
CA ALA A 103 -9.00 -9.11 8.68
C ALA A 103 -9.14 -7.79 7.93
N ILE A 104 -8.16 -7.46 7.10
CA ILE A 104 -8.19 -6.20 6.36
C ILE A 104 -9.42 -6.15 5.44
N LEU A 105 -9.64 -7.21 4.65
CA LEU A 105 -10.78 -7.20 3.74
C LEU A 105 -12.09 -7.15 4.49
N ALA A 106 -12.15 -7.82 5.65
CA ALA A 106 -13.38 -7.80 6.44
C ALA A 106 -13.68 -6.39 6.96
N VAL A 107 -12.66 -5.67 7.43
CA VAL A 107 -12.88 -4.31 7.90
C VAL A 107 -13.44 -3.44 6.77
N LEU A 108 -12.86 -3.56 5.58
CA LEU A 108 -13.32 -2.76 4.45
C LEU A 108 -14.76 -3.14 4.09
N LYS A 109 -15.06 -4.44 4.04
CA LYS A 109 -16.41 -4.90 3.71
C LYS A 109 -17.42 -4.40 4.74
N ALA A 110 -17.03 -4.33 6.01
CA ALA A 110 -17.94 -3.83 7.03
C ALA A 110 -18.16 -2.33 6.91
N GLY A 111 -17.43 -1.64 6.03
CA GLY A 111 -17.59 -0.22 5.84
C GLY A 111 -16.59 0.65 6.56
N GLY A 112 -15.61 0.05 7.26
CA GLY A 112 -14.67 0.79 8.06
C GLY A 112 -13.30 0.90 7.41
N ALA A 113 -12.33 1.34 8.22
CA ALA A 113 -10.96 1.51 7.79
C ALA A 113 -10.06 0.84 8.81
N TYR A 114 -8.93 0.29 8.35
CA TYR A 114 -8.05 -0.39 9.29
C TYR A 114 -6.82 0.45 9.60
N VAL A 115 -6.31 0.28 10.81
CA VAL A 115 -5.03 0.87 11.18
C VAL A 115 -4.08 -0.27 11.55
N PRO A 116 -3.05 -0.51 10.74
CA PRO A 116 -2.09 -1.57 11.05
C PRO A 116 -1.13 -1.13 12.13
N ILE A 117 -1.02 -1.94 13.19
CA ILE A 117 -0.25 -1.56 14.37
C ILE A 117 0.90 -2.54 14.50
N ASP A 118 2.12 -2.03 14.35
CA ASP A 118 3.29 -2.90 14.30
C ASP A 118 3.52 -3.55 15.66
N ILE A 119 3.36 -4.88 15.72
CA ILE A 119 3.50 -5.59 17.00
C ILE A 119 4.95 -5.66 17.46
N GLU A 120 5.90 -5.15 16.68
CA GLU A 120 7.29 -5.08 17.12
C GLU A 120 7.71 -3.68 17.58
N TYR A 121 6.80 -2.71 17.56
CA TYR A 121 7.11 -1.39 18.08
C TYR A 121 7.32 -1.47 19.60
N PRO A 122 8.01 -0.48 20.17
CA PRO A 122 8.00 -0.35 21.64
C PRO A 122 6.56 -0.23 22.15
N ARG A 123 6.33 -0.78 23.33
CA ARG A 123 4.97 -0.79 23.87
C ARG A 123 4.39 0.62 23.97
N ASP A 124 5.23 1.61 24.33
CA ASP A 124 4.67 2.95 24.48
C ASP A 124 4.27 3.55 23.13
N ARG A 125 4.93 3.15 22.04
CA ARG A 125 4.50 3.60 20.71
C ARG A 125 3.22 2.90 20.30
N ILE A 126 3.10 1.61 20.62
CA ILE A 126 1.85 0.90 20.38
C ILE A 126 0.71 1.58 21.13
N GLN A 127 0.96 1.89 22.42
CA GLN A 127 -0.05 2.56 23.23
C GLN A 127 -0.42 3.91 22.64
N TYR A 128 0.57 4.67 22.15
CA TYR A 128 0.28 5.98 21.58
C TYR A 128 -0.65 5.84 20.39
N ILE A 129 -0.35 4.89 19.50
CA ILE A 129 -1.17 4.72 18.29
C ILE A 129 -2.58 4.28 18.67
N LEU A 130 -2.69 3.27 19.53
CA LEU A 130 -4.01 2.85 19.98
C LEU A 130 -4.80 4.02 20.55
N GLN A 131 -4.18 4.79 21.45
CA GLN A 131 -4.90 5.85 22.15
C GLN A 131 -5.14 7.06 21.26
N ASP A 132 -4.18 7.42 20.43
CA ASP A 132 -4.39 8.53 19.49
C ASP A 132 -5.49 8.21 18.49
N SER A 133 -5.46 7.00 17.93
CA SER A 133 -6.47 6.62 16.94
C SER A 133 -7.85 6.54 17.56
N GLN A 134 -7.94 6.30 18.87
CA GLN A 134 -9.22 6.14 19.54
C GLN A 134 -9.98 4.90 19.04
N THR A 135 -9.27 3.92 18.51
CA THR A 135 -9.95 2.75 17.98
C THR A 135 -10.66 2.01 19.10
N LYS A 136 -11.88 1.57 18.81
CA LYS A 136 -12.74 0.86 19.75
C LYS A 136 -12.69 -0.64 19.56
N ILE A 137 -12.05 -1.11 18.48
CA ILE A 137 -11.95 -2.53 18.19
C ILE A 137 -10.54 -2.81 17.69
N VAL A 138 -9.90 -3.84 18.23
CA VAL A 138 -8.63 -4.34 17.73
C VAL A 138 -8.78 -5.80 17.35
N LEU A 139 -8.35 -6.13 16.13
CA LEU A 139 -8.31 -7.50 15.64
C LEU A 139 -6.92 -8.08 15.87
N THR A 140 -6.85 -9.26 16.46
CA THR A 140 -5.56 -9.82 16.80
C THR A 140 -5.63 -11.35 16.65
N GLN A 141 -4.60 -12.02 17.14
CA GLN A 141 -4.50 -13.47 17.10
C GLN A 141 -3.97 -13.97 18.43
N LYS A 142 -4.08 -15.28 18.63
CA LYS A 142 -3.77 -15.87 19.93
C LYS A 142 -2.36 -15.54 20.38
N SER A 143 -1.38 -15.66 19.48
CA SER A 143 0.00 -15.42 19.89
C SER A 143 0.29 -13.95 20.16
N VAL A 144 -0.64 -13.06 19.83
CA VAL A 144 -0.47 -11.63 20.03
C VAL A 144 -1.33 -11.09 21.17
N SER A 145 -2.32 -11.85 21.63
CA SER A 145 -3.26 -11.33 22.62
C SER A 145 -2.58 -10.89 23.91
N GLN A 146 -1.49 -11.57 24.31
CA GLN A 146 -0.78 -11.16 25.52
C GLN A 146 -0.24 -9.73 25.38
N LEU A 147 0.30 -9.40 24.20
CA LEU A 147 0.80 -8.05 23.98
C LEU A 147 -0.33 -7.03 24.09
N VAL A 148 -1.51 -7.36 23.56
CA VAL A 148 -2.65 -6.44 23.65
C VAL A 148 -2.98 -6.14 25.11
N HIS A 149 -2.94 -7.17 25.97
CA HIS A 149 -3.11 -6.95 27.40
C HIS A 149 -1.94 -6.17 27.99
N ASP A 150 -0.71 -6.47 27.56
CA ASP A 150 0.44 -5.78 28.13
C ASP A 150 0.48 -4.31 27.78
N VAL A 151 -0.18 -3.88 26.70
CA VAL A 151 -0.28 -2.45 26.42
C VAL A 151 -1.51 -1.83 27.05
N GLY A 152 -2.29 -2.60 27.82
CA GLY A 152 -3.43 -2.06 28.52
C GLY A 152 -4.56 -1.57 27.63
N TYR A 153 -4.74 -2.17 26.46
CA TYR A 153 -5.77 -1.68 25.56
C TYR A 153 -7.16 -1.86 26.19
N SER A 154 -7.97 -0.80 26.17
CA SER A 154 -9.22 -0.81 26.90
C SER A 154 -10.44 -1.01 26.02
N GLY A 155 -10.27 -1.29 24.73
CA GLY A 155 -11.38 -1.49 23.83
C GLY A 155 -11.72 -2.96 23.62
N GLU A 156 -12.57 -3.20 22.62
CA GLU A 156 -12.97 -4.55 22.28
C GLU A 156 -11.86 -5.25 21.51
N VAL A 157 -11.51 -6.46 21.96
CA VAL A 157 -10.46 -7.24 21.32
C VAL A 157 -11.09 -8.48 20.70
N VAL A 158 -10.86 -8.68 19.41
CA VAL A 158 -11.37 -9.83 18.67
C VAL A 158 -10.18 -10.72 18.34
N VAL A 159 -10.13 -11.90 18.94
CA VAL A 159 -9.06 -12.86 18.68
C VAL A 159 -9.56 -13.76 17.55
N LEU A 160 -9.07 -13.51 16.33
CA LEU A 160 -9.67 -14.13 15.16
C LEU A 160 -9.52 -15.65 15.18
N ASP A 161 -8.37 -16.15 15.64
CA ASP A 161 -8.20 -17.60 15.70
C ASP A 161 -8.81 -18.23 16.96
N GLU A 162 -9.60 -17.46 17.71
CA GLU A 162 -10.59 -18.00 18.65
C GLU A 162 -11.97 -18.06 18.03
N GLU A 163 -12.34 -17.03 17.28
CA GLU A 163 -13.68 -16.93 16.72
C GLU A 163 -13.98 -18.11 15.82
N GLN A 164 -15.15 -18.69 16.00
CA GLN A 164 -15.67 -19.71 15.10
C GLN A 164 -16.78 -19.03 14.30
N LEU A 165 -16.47 -18.67 13.06
CA LEU A 165 -17.38 -17.94 12.20
C LEU A 165 -17.91 -18.79 11.05
N ASP A 166 -17.65 -20.10 11.06
CA ASP A 166 -18.03 -20.95 9.94
C ASP A 166 -19.52 -20.97 9.70
N ALA A 167 -20.34 -20.60 10.69
CA ALA A 167 -21.79 -20.64 10.51
C ALA A 167 -22.33 -19.40 9.81
N ARG A 168 -21.61 -18.29 9.84
CA ARG A 168 -22.16 -17.04 9.35
C ARG A 168 -22.35 -17.08 7.83
N GLU A 169 -23.23 -16.20 7.37
CA GLU A 169 -23.48 -16.05 5.94
C GLU A 169 -22.18 -15.71 5.22
N THR A 170 -22.00 -16.26 4.02
CA THR A 170 -20.78 -16.08 3.26
C THR A 170 -20.91 -15.12 2.08
N ALA A 171 -22.13 -14.69 1.76
CA ALA A 171 -22.33 -13.80 0.62
C ALA A 171 -21.81 -12.40 0.92
N ASN A 172 -21.66 -11.61 -0.14
CA ASN A 172 -21.20 -10.24 0.01
C ASN A 172 -22.21 -9.40 0.79
N LEU A 173 -21.71 -8.42 1.53
CA LEU A 173 -22.58 -7.64 2.41
C LEU A 173 -23.31 -6.51 1.69
N HIS A 174 -22.64 -5.80 0.79
CA HIS A 174 -23.25 -4.66 0.10
C HIS A 174 -23.56 -3.51 1.06
N GLN A 175 -22.66 -3.25 2.03
CA GLN A 175 -22.84 -2.10 2.90
C GLN A 175 -22.78 -0.82 2.08
N PRO A 176 -23.40 0.27 2.57
CA PRO A 176 -23.23 1.56 1.90
C PRO A 176 -21.77 1.96 1.90
N SER A 177 -21.31 2.48 0.78
CA SER A 177 -19.93 2.93 0.66
C SER A 177 -19.86 4.06 -0.36
N LYS A 178 -18.87 4.92 -0.16
CA LYS A 178 -18.53 6.04 -1.03
C LYS A 178 -17.02 6.02 -1.27
N PRO A 179 -16.58 6.47 -2.44
CA PRO A 179 -15.13 6.53 -2.69
C PRO A 179 -14.38 7.38 -1.67
N THR A 180 -15.05 8.37 -1.07
CA THR A 180 -14.41 9.24 -0.09
C THR A 180 -14.41 8.65 1.32
N ASP A 181 -15.01 7.48 1.54
CA ASP A 181 -14.89 6.80 2.83
C ASP A 181 -13.44 6.50 3.15
N LEU A 182 -13.10 6.47 4.44
CA LEU A 182 -11.77 6.03 4.84
C LEU A 182 -11.58 4.56 4.49
N ALA A 183 -10.37 4.23 4.06
CA ALA A 183 -9.95 2.84 3.84
C ALA A 183 -8.86 2.39 4.81
N TYR A 184 -7.85 3.22 5.07
CA TYR A 184 -6.83 2.86 6.05
C TYR A 184 -6.22 4.12 6.64
N VAL A 185 -5.67 3.98 7.84
CA VAL A 185 -4.91 5.02 8.50
C VAL A 185 -3.54 4.45 8.80
N ILE A 186 -2.50 5.08 8.25
CA ILE A 186 -1.11 4.66 8.45
C ILE A 186 -0.45 5.68 9.36
N TYR A 187 0.08 5.22 10.48
CA TYR A 187 0.83 6.11 11.35
C TYR A 187 2.27 6.24 10.86
N THR A 188 2.76 7.48 10.82
CA THR A 188 4.16 7.75 10.52
C THR A 188 4.70 8.74 11.54
N SER A 189 6.03 8.84 11.60
CA SER A 189 6.71 9.77 12.49
C SER A 189 7.75 10.57 11.71
N GLY A 190 7.96 11.81 12.14
CA GLY A 190 8.93 12.69 11.49
C GLY A 190 10.31 12.66 12.14
N GLY A 193 8.40 14.40 15.29
CA GLY A 193 7.49 14.41 16.43
C GLY A 193 6.82 13.08 16.72
N LYS A 194 5.69 13.12 17.42
CA LYS A 194 4.96 11.90 17.73
C LYS A 194 4.30 11.34 16.47
N PRO A 195 3.95 10.06 16.49
CA PRO A 195 3.28 9.47 15.31
C PRO A 195 1.99 10.22 14.95
N LYS A 196 1.74 10.34 13.66
CA LYS A 196 0.53 10.98 13.16
C LYS A 196 -0.20 10.00 12.23
N GLY A 197 -1.52 9.95 12.37
CA GLY A 197 -2.31 9.02 11.56
C GLY A 197 -2.67 9.62 10.21
N THR A 198 -2.16 9.03 9.14
CA THR A 198 -2.42 9.55 7.80
C THR A 198 -3.64 8.82 7.23
N MET A 199 -4.68 9.58 6.90
CA MET A 199 -5.99 9.03 6.55
C MET A 199 -6.14 8.92 5.03
N LEU A 200 -6.23 7.69 4.53
CA LEU A 200 -6.36 7.44 3.09
C LEU A 200 -7.74 6.87 2.78
N GLU A 201 -8.35 7.36 1.69
CA GLU A 201 -9.70 6.99 1.29
C GLU A 201 -9.67 5.91 0.21
N HIS A 202 -10.86 5.34 -0.08
CA HIS A 202 -10.94 4.26 -1.07
C HIS A 202 -10.53 4.71 -2.46
N LYS A 203 -10.83 5.95 -2.82
CA LYS A 203 -10.75 6.36 -4.22
C LYS A 203 -9.34 6.24 -4.77
N GLY A 204 -8.32 6.54 -3.97
CA GLY A 204 -6.96 6.44 -4.46
C GLY A 204 -6.54 5.02 -4.80
N ILE A 205 -7.03 4.04 -4.05
CA ILE A 205 -6.71 2.64 -4.35
C ILE A 205 -7.52 2.15 -5.55
N ALA A 206 -8.74 2.64 -5.73
CA ALA A 206 -9.46 2.33 -6.98
C ALA A 206 -8.68 2.84 -8.18
N ASN A 207 -8.14 4.06 -8.10
CA ASN A 207 -7.30 4.56 -9.18
C ASN A 207 -6.06 3.67 -9.36
N LEU A 208 -5.50 3.20 -8.25
CA LEU A 208 -4.30 2.38 -8.32
C LEU A 208 -4.55 1.08 -9.07
N GLN A 209 -5.72 0.47 -8.89
CA GLN A 209 -6.06 -0.72 -9.68
C GLN A 209 -5.87 -0.49 -11.17
N SER A 210 -6.41 0.62 -11.68
CA SER A 210 -6.30 0.90 -13.10
C SER A 210 -4.87 1.23 -13.49
N PHE A 211 -4.14 1.94 -12.62
CA PHE A 211 -2.73 2.17 -12.88
C PHE A 211 -1.99 0.85 -13.08
N PHE A 212 -2.18 -0.09 -12.16
CA PHE A 212 -1.48 -1.39 -12.24
C PHE A 212 -1.83 -2.11 -13.53
N GLN A 213 -3.11 -2.12 -13.91
CA GLN A 213 -3.51 -2.86 -15.10
C GLN A 213 -3.02 -2.18 -16.38
N ASN A 214 -3.07 -0.85 -16.42
CA ASN A 214 -2.62 -0.08 -17.59
C ASN A 214 -1.10 -0.09 -17.72
N SER A 215 -0.38 0.22 -16.63
CA SER A 215 1.04 0.55 -16.71
C SER A 215 1.96 -0.64 -16.49
N PHE A 216 1.57 -1.58 -15.63
CA PHE A 216 2.33 -2.80 -15.41
C PHE A 216 1.72 -3.99 -16.13
N GLY A 217 0.54 -3.83 -16.74
CA GLY A 217 -0.13 -4.96 -17.37
C GLY A 217 -0.45 -6.10 -16.42
N VAL A 218 -0.77 -5.81 -15.16
CA VAL A 218 -1.08 -6.86 -14.20
C VAL A 218 -2.35 -7.58 -14.63
N THR A 219 -2.31 -8.91 -14.60
CA THR A 219 -3.46 -9.76 -14.87
C THR A 219 -3.56 -10.83 -13.81
N GLU A 220 -4.61 -11.65 -13.91
CA GLU A 220 -4.80 -12.75 -12.98
C GLU A 220 -3.68 -13.77 -13.03
N GLN A 221 -2.87 -13.77 -14.09
CA GLN A 221 -1.78 -14.73 -14.19
C GLN A 221 -0.58 -14.35 -13.33
N ASP A 222 -0.50 -13.11 -12.88
CA ASP A 222 0.67 -12.71 -12.12
C ASP A 222 0.71 -13.36 -10.74
N ARG A 223 1.93 -13.50 -10.22
CA ARG A 223 2.20 -13.97 -8.87
C ARG A 223 3.09 -12.94 -8.20
N ILE A 224 2.58 -12.35 -7.12
CA ILE A 224 3.13 -11.11 -6.58
C ILE A 224 3.55 -11.36 -5.13
N GLY A 225 4.79 -11.02 -4.81
CA GLY A 225 5.24 -11.16 -3.44
C GLY A 225 4.70 -10.04 -2.56
N LEU A 226 4.55 -10.35 -1.27
CA LEU A 226 4.31 -9.33 -0.26
C LEU A 226 5.52 -9.31 0.66
N PHE A 227 6.26 -8.22 0.63
CA PHE A 227 7.53 -8.11 1.34
C PHE A 227 7.48 -7.13 2.50
N ALA A 228 6.81 -6.00 2.32
CA ALA A 228 6.85 -4.95 3.33
C ALA A 228 6.02 -5.31 4.56
N SER A 229 6.37 -4.67 5.68
CA SER A 229 5.54 -4.70 6.87
C SER A 229 4.17 -4.10 6.56
N MET A 230 3.12 -4.62 7.21
CA MET A 230 1.79 -4.06 7.00
C MET A 230 1.67 -2.65 7.58
N SER A 231 2.60 -2.24 8.44
CA SER A 231 2.62 -0.89 8.97
C SER A 231 3.27 0.10 8.01
N PHE A 232 3.81 -0.37 6.90
CA PHE A 232 4.45 0.44 5.87
C PHE A 232 3.54 0.43 4.64
N ASP A 233 3.19 1.62 4.11
CA ASP A 233 2.15 1.57 3.08
C ASP A 233 2.61 0.91 1.78
N VAL A 234 3.89 0.58 1.62
CA VAL A 234 4.26 -0.25 0.47
C VAL A 234 3.45 -1.54 0.46
N SER A 235 3.09 -2.06 1.65
CA SER A 235 2.31 -3.30 1.71
C SER A 235 0.92 -3.14 1.10
N VAL A 236 0.34 -1.94 1.18
CA VAL A 236 -0.95 -1.66 0.53
C VAL A 236 -0.79 -1.79 -0.99
N TRP A 237 0.24 -1.13 -1.53
CA TRP A 237 0.60 -1.24 -2.94
C TRP A 237 0.75 -2.70 -3.35
N GLU A 238 1.48 -3.50 -2.56
CA GLU A 238 1.73 -4.89 -2.93
C GLU A 238 0.45 -5.72 -2.88
N MET A 239 -0.27 -5.62 -1.75
CA MET A 239 -1.46 -6.43 -1.52
C MET A 239 -2.52 -6.20 -2.60
N PHE A 240 -2.82 -4.93 -2.90
CA PHE A 240 -3.87 -4.65 -3.86
C PHE A 240 -3.38 -4.74 -5.30
N MET A 241 -2.07 -4.68 -5.52
CA MET A 241 -1.56 -5.06 -6.84
C MET A 241 -2.02 -6.46 -7.21
N ALA A 242 -2.00 -7.38 -6.26
CA ALA A 242 -2.46 -8.74 -6.53
C ALA A 242 -3.99 -8.81 -6.51
N LEU A 243 -4.59 -8.41 -5.39
CA LEU A 243 -5.97 -8.78 -5.09
C LEU A 243 -7.01 -7.98 -5.88
N LEU A 244 -6.64 -6.82 -6.45
CA LEU A 244 -7.59 -6.10 -7.27
C LEU A 244 -7.47 -6.45 -8.75
N SER A 245 -6.67 -7.48 -9.10
CA SER A 245 -6.58 -7.89 -10.50
C SER A 245 -6.73 -9.40 -10.67
N GLY A 246 -7.03 -10.13 -9.61
CA GLY A 246 -7.15 -11.58 -9.72
C GLY A 246 -5.85 -12.34 -9.63
N ALA A 247 -4.74 -11.66 -9.37
CA ALA A 247 -3.44 -12.28 -9.23
C ALA A 247 -3.30 -12.91 -7.84
N SER A 248 -2.24 -13.69 -7.67
CA SER A 248 -2.00 -14.36 -6.40
C SER A 248 -0.96 -13.59 -5.60
N LEU A 249 -1.20 -13.50 -4.29
CA LEU A 249 -0.36 -12.74 -3.36
C LEU A 249 0.39 -13.73 -2.49
N TYR A 250 1.72 -13.72 -2.60
CA TYR A 250 2.59 -14.63 -1.87
C TYR A 250 3.19 -13.86 -0.70
N ILE A 251 2.69 -14.13 0.50
CA ILE A 251 3.16 -13.48 1.71
C ILE A 251 4.49 -14.13 2.09
N LEU A 252 5.58 -13.36 2.02
CA LEU A 252 6.90 -13.88 2.32
C LEU A 252 7.13 -13.93 3.84
N SER A 253 7.57 -15.09 4.31
CA SER A 253 7.84 -15.28 5.74
C SER A 253 9.09 -14.52 6.17
N LYS A 254 9.21 -14.33 7.48
CA LYS A 254 10.39 -13.66 8.04
C LYS A 254 11.67 -14.38 7.64
N GLN A 255 11.67 -15.72 7.70
CA GLN A 255 12.88 -16.47 7.43
C GLN A 255 13.24 -16.41 5.96
N THR A 256 12.25 -16.38 5.07
CA THR A 256 12.53 -16.25 3.64
C THR A 256 13.18 -14.93 3.34
N ILE A 257 12.71 -13.86 3.98
CA ILE A 257 13.27 -12.53 3.73
C ILE A 257 14.65 -12.42 4.36
N HIS A 258 14.86 -13.04 5.52
CA HIS A 258 16.13 -12.85 6.21
C HIS A 258 17.30 -13.43 5.43
N ASP A 259 17.09 -14.51 4.68
CA ASP A 259 18.13 -15.26 3.99
C ASP A 259 18.06 -14.96 2.49
N PHE A 260 19.05 -14.23 1.96
CA PHE A 260 18.99 -13.79 0.57
C PHE A 260 18.85 -14.96 -0.39
N ALA A 261 19.61 -16.04 -0.18
CA ALA A 261 19.49 -17.20 -1.05
C ALA A 261 18.14 -17.88 -0.91
N ALA A 262 17.58 -17.88 0.31
CA ALA A 262 16.23 -18.42 0.48
C ALA A 262 15.22 -17.56 -0.26
N PHE A 263 15.41 -16.24 -0.23
CA PHE A 263 14.53 -15.33 -0.97
C PHE A 263 14.58 -15.62 -2.46
N GLU A 264 15.79 -15.68 -3.03
CA GLU A 264 15.90 -15.96 -4.45
C GLU A 264 15.31 -17.33 -4.79
N HIS A 265 15.54 -18.33 -3.94
CA HIS A 265 14.99 -19.65 -4.21
C HIS A 265 13.47 -19.64 -4.15
N TYR A 266 12.90 -18.92 -3.19
CA TYR A 266 11.44 -18.88 -3.05
C TYR A 266 10.77 -18.21 -4.24
N LEU A 267 11.32 -17.09 -4.69
CA LEU A 267 10.78 -16.42 -5.88
C LEU A 267 10.86 -17.33 -7.10
N SER A 268 11.96 -18.07 -7.24
CA SER A 268 12.17 -18.89 -8.43
C SER A 268 11.32 -20.16 -8.37
N GLU A 269 11.30 -20.83 -7.22
CA GLU A 269 10.50 -22.05 -7.07
C GLU A 269 9.02 -21.78 -7.29
N ASN A 270 8.53 -20.61 -6.84
CA ASN A 270 7.12 -20.27 -6.99
C ASN A 270 6.85 -19.41 -8.21
N GLU A 271 7.86 -19.10 -9.01
CA GLU A 271 7.70 -18.40 -10.28
C GLU A 271 6.97 -17.07 -10.09
N LEU A 272 7.33 -16.34 -9.04
CA LEU A 272 6.79 -15.01 -8.84
C LEU A 272 7.17 -14.10 -10.01
N THR A 273 6.22 -13.24 -10.41
CA THR A 273 6.41 -12.38 -11.56
C THR A 273 6.66 -10.92 -11.23
N ILE A 274 6.22 -10.44 -10.06
CA ILE A 274 6.43 -9.05 -9.66
C ILE A 274 6.84 -9.00 -8.20
N ILE A 275 7.81 -8.15 -7.88
CA ILE A 275 8.18 -7.90 -6.48
C ILE A 275 8.56 -6.44 -6.36
N THR A 276 8.32 -5.88 -5.17
CA THR A 276 8.73 -4.52 -4.81
C THR A 276 9.66 -4.61 -3.61
N LEU A 277 10.78 -3.92 -3.67
CA LEU A 277 11.81 -4.02 -2.63
C LEU A 277 12.41 -2.67 -2.30
N PRO A 278 12.96 -2.51 -1.10
CA PRO A 278 13.88 -1.41 -0.84
C PRO A 278 15.14 -1.59 -1.66
N PRO A 279 15.73 -0.52 -2.17
CA PRO A 279 16.98 -0.67 -2.96
C PRO A 279 18.10 -1.37 -2.20
N THR A 280 18.23 -1.16 -0.89
CA THR A 280 19.31 -1.83 -0.16
C THR A 280 19.13 -3.34 -0.20
N TYR A 281 17.89 -3.81 -0.08
CA TYR A 281 17.67 -5.25 -0.17
C TYR A 281 18.06 -5.75 -1.56
N LEU A 282 17.64 -5.03 -2.60
CA LEU A 282 17.94 -5.48 -3.95
C LEU A 282 19.44 -5.59 -4.21
N THR A 283 20.27 -4.75 -3.58
CA THR A 283 21.69 -4.81 -3.89
C THR A 283 22.31 -6.16 -3.55
N HIS A 284 21.67 -6.95 -2.67
CA HIS A 284 22.19 -8.25 -2.28
C HIS A 284 21.76 -9.38 -3.21
N LEU A 285 20.89 -9.12 -4.17
CA LEU A 285 20.32 -10.17 -5.00
C LEU A 285 21.07 -10.31 -6.31
N THR A 286 21.00 -11.52 -6.89
CA THR A 286 21.65 -11.83 -8.14
C THR A 286 20.60 -12.07 -9.22
N PRO A 287 20.58 -11.31 -10.30
CA PRO A 287 19.56 -11.53 -11.34
C PRO A 287 19.48 -12.98 -11.79
N GLU A 288 20.64 -13.65 -11.95
CA GLU A 288 20.65 -15.01 -12.47
C GLU A 288 19.94 -15.99 -11.55
N ARG A 289 19.83 -15.69 -10.26
CA ARG A 289 19.19 -16.59 -9.31
C ARG A 289 17.71 -16.31 -9.14
N ILE A 290 17.15 -15.37 -9.91
CA ILE A 290 15.71 -15.13 -9.93
C ILE A 290 15.28 -15.29 -11.38
N THR A 291 14.52 -16.34 -11.64
CA THR A 291 14.30 -16.87 -12.98
C THR A 291 12.95 -16.47 -13.57
N SER A 292 12.11 -15.78 -12.80
CA SER A 292 10.70 -15.66 -13.12
C SER A 292 10.19 -14.23 -13.18
N LEU A 293 10.88 -13.26 -12.58
CA LEU A 293 10.35 -11.92 -12.49
C LEU A 293 10.25 -11.26 -13.86
N ARG A 294 9.14 -10.57 -14.10
CA ARG A 294 9.06 -9.68 -15.24
C ARG A 294 9.21 -8.22 -14.86
N ILE A 295 8.92 -7.88 -13.60
CA ILE A 295 9.01 -6.53 -13.08
C ILE A 295 9.71 -6.58 -11.73
N MET A 296 10.69 -5.70 -11.55
CA MET A 296 11.28 -5.42 -10.25
C MET A 296 11.03 -3.95 -9.97
N ILE A 297 10.35 -3.65 -8.86
CA ILE A 297 10.12 -2.27 -8.41
C ILE A 297 10.98 -2.02 -7.19
N THR A 298 11.68 -0.88 -7.15
CA THR A 298 12.20 -0.42 -5.87
C THR A 298 11.46 0.84 -5.48
N ALA A 299 11.27 1.01 -4.17
CA ALA A 299 10.48 2.11 -3.64
C ALA A 299 11.03 2.52 -2.29
N GLY A 300 10.72 3.77 -1.91
CA GLY A 300 10.93 4.27 -0.56
C GLY A 300 12.25 4.99 -0.32
N SER A 301 13.28 4.66 -1.09
CA SER A 301 14.60 5.25 -0.91
C SER A 301 15.23 5.40 -2.27
N ALA A 302 16.22 6.28 -2.34
CA ALA A 302 16.88 6.55 -3.62
C ALA A 302 17.57 5.30 -4.15
N SER A 303 17.34 5.02 -5.43
CA SER A 303 18.09 3.98 -6.12
C SER A 303 19.39 4.59 -6.65
N SER A 304 20.19 3.79 -7.35
CA SER A 304 21.49 4.23 -7.84
C SER A 304 21.68 3.74 -9.27
N ALA A 305 22.47 4.47 -10.03
CA ALA A 305 22.73 4.08 -11.41
C ALA A 305 23.35 2.70 -11.50
N PRO A 306 24.40 2.36 -10.74
CA PRO A 306 24.93 0.99 -10.82
C PRO A 306 23.89 -0.07 -10.52
N LEU A 307 23.02 0.16 -9.53
CA LEU A 307 21.97 -0.82 -9.24
C LEU A 307 21.01 -0.98 -10.41
N VAL A 308 20.57 0.15 -10.97
CA VAL A 308 19.62 0.08 -12.07
C VAL A 308 20.26 -0.59 -13.28
N ASN A 309 21.53 -0.28 -13.55
CA ASN A 309 22.19 -0.84 -14.72
C ASN A 309 22.32 -2.36 -14.60
N LYS A 310 22.41 -2.87 -13.37
CA LYS A 310 22.52 -4.31 -13.15
C LYS A 310 21.24 -5.06 -13.51
N TRP A 311 20.08 -4.39 -13.45
CA TRP A 311 18.79 -5.06 -13.63
C TRP A 311 17.99 -4.63 -14.85
N LYS A 312 18.19 -3.42 -15.37
CA LYS A 312 17.23 -2.83 -16.29
C LYS A 312 17.16 -3.55 -17.64
N ASP A 313 18.16 -4.35 -17.97
CA ASP A 313 18.18 -5.09 -19.24
C ASP A 313 17.90 -6.58 -19.06
N LYS A 314 17.68 -7.03 -17.82
CA LYS A 314 17.26 -8.38 -17.48
C LYS A 314 15.76 -8.49 -17.26
N LEU A 315 15.13 -7.43 -16.76
CA LEU A 315 13.70 -7.39 -16.54
C LEU A 315 13.28 -5.93 -16.62
N ARG A 316 12.00 -5.67 -16.36
CA ARG A 316 11.53 -4.28 -16.32
C ARG A 316 11.82 -3.71 -14.94
N TYR A 317 12.74 -2.76 -14.85
CA TYR A 317 13.09 -2.12 -13.60
C TYR A 317 12.29 -0.83 -13.47
N ILE A 318 11.61 -0.69 -12.33
CA ILE A 318 10.75 0.46 -12.07
C ILE A 318 11.15 1.09 -10.75
N ASN A 319 11.36 2.41 -10.77
CA ASN A 319 11.58 3.20 -9.57
C ASN A 319 10.24 3.85 -9.22
N ALA A 320 9.72 3.61 -8.02
CA ALA A 320 8.42 4.14 -7.64
C ALA A 320 8.57 5.05 -6.43
N TYR A 321 8.02 6.27 -6.53
CA TYR A 321 8.17 7.30 -5.51
C TYR A 321 6.83 7.77 -4.99
N GLY A 322 6.76 8.04 -3.69
CA GLY A 322 5.64 8.77 -3.17
C GLY A 322 5.77 8.96 -1.67
N PRO A 323 5.07 9.95 -1.13
CA PRO A 323 4.90 10.05 0.33
C PRO A 323 3.73 9.20 0.76
N THR A 324 3.71 8.84 2.05
CA THR A 324 2.55 8.11 2.56
C THR A 324 1.26 8.88 2.30
N GLU A 325 1.33 10.21 2.23
CA GLU A 325 0.15 11.03 2.08
C GLU A 325 -0.53 10.93 0.71
N CYS A 326 0.04 10.19 -0.26
CA CYS A 326 -0.77 9.80 -1.41
C CYS A 326 -0.41 8.40 -1.88
N LEU A 327 0.25 7.62 -1.03
CA LEU A 327 0.78 6.27 -1.30
C LEU A 327 1.91 6.35 -2.32
N VAL A 328 1.57 6.63 -3.57
CA VAL A 328 2.54 6.66 -4.65
C VAL A 328 2.18 7.81 -5.59
N ALA A 329 3.20 8.51 -6.07
CA ALA A 329 2.99 9.68 -6.93
C ALA A 329 3.58 9.53 -8.31
N THR A 330 4.77 8.93 -8.46
CA THR A 330 5.46 8.87 -9.75
C THR A 330 6.11 7.52 -9.92
N ILE A 331 6.34 7.13 -11.18
CA ILE A 331 7.15 5.97 -11.48
C ILE A 331 8.08 6.28 -12.65
N TRP A 332 9.24 5.63 -12.66
CA TRP A 332 10.17 5.67 -13.77
C TRP A 332 10.52 4.25 -14.16
N GLU A 333 10.27 3.90 -15.41
CA GLU A 333 10.71 2.60 -15.91
C GLU A 333 12.03 2.80 -16.65
N ALA A 334 13.07 2.15 -16.17
CA ALA A 334 14.39 2.33 -16.75
C ALA A 334 14.41 1.74 -18.16
N PRO A 335 15.15 2.36 -19.08
CA PRO A 335 15.12 1.90 -20.48
C PRO A 335 15.94 0.63 -20.66
N SER A 336 15.33 -0.36 -21.29
CA SER A 336 16.00 -1.62 -21.62
C SER A 336 16.64 -1.48 -23.01
N ASN A 337 17.71 -0.69 -23.05
CA ASN A 337 18.34 -0.35 -24.32
C ASN A 337 19.82 -0.72 -24.37
N GLN A 338 20.30 -1.52 -23.43
CA GLN A 338 21.69 -1.97 -23.40
C GLN A 338 22.68 -0.83 -23.23
N LEU A 339 22.18 0.37 -22.90
CA LEU A 339 23.02 1.54 -22.62
C LEU A 339 22.91 1.89 -21.15
N SER A 340 24.04 2.22 -20.53
CA SER A 340 24.05 2.53 -19.11
C SER A 340 23.40 3.88 -18.83
N VAL A 341 22.66 3.95 -17.72
CA VAL A 341 22.17 5.23 -17.22
C VAL A 341 23.21 5.80 -16.29
N GLN A 342 23.22 7.13 -16.13
CA GLN A 342 24.11 7.81 -15.19
C GLN A 342 23.37 8.36 -13.99
N SER A 343 22.04 8.36 -14.00
CA SER A 343 21.24 8.85 -12.87
C SER A 343 19.91 8.13 -12.90
N VAL A 344 19.16 8.29 -11.81
CA VAL A 344 17.90 7.55 -11.66
C VAL A 344 16.76 8.50 -11.34
N PRO A 345 16.00 8.94 -12.35
CA PRO A 345 14.82 9.77 -12.09
C PRO A 345 13.78 9.05 -11.26
N ILE A 346 12.90 9.82 -10.63
CA ILE A 346 11.68 9.21 -10.08
C ILE A 346 10.55 9.22 -11.11
N GLY A 347 10.74 9.85 -12.26
CA GLY A 347 9.92 9.58 -13.44
C GLY A 347 8.78 10.57 -13.61
N LYS A 348 7.58 10.06 -13.87
CA LYS A 348 6.43 10.85 -14.23
C LYS A 348 5.24 10.52 -13.35
N PRO A 349 4.32 11.47 -13.17
CA PRO A 349 3.13 11.22 -12.34
C PRO A 349 2.34 10.03 -12.84
N ILE A 350 1.80 9.25 -11.90
CA ILE A 350 0.87 8.19 -12.28
C ILE A 350 -0.48 8.81 -12.66
N GLN A 351 -1.29 8.02 -13.36
CA GLN A 351 -2.55 8.53 -13.88
C GLN A 351 -3.36 9.23 -12.79
N ASN A 352 -3.96 10.36 -13.17
CA ASN A 352 -4.86 11.14 -12.33
C ASN A 352 -4.17 11.74 -11.12
N THR A 353 -2.85 11.89 -11.21
CA THR A 353 -2.04 12.56 -10.21
C THR A 353 -1.31 13.69 -10.91
N HIS A 354 -1.17 14.82 -10.24
CA HIS A 354 -0.51 15.99 -10.82
C HIS A 354 0.67 16.36 -9.92
N ILE A 355 1.80 16.68 -10.54
CA ILE A 355 2.98 17.11 -9.79
C ILE A 355 3.21 18.58 -10.10
N TYR A 356 3.44 19.37 -9.04
CA TYR A 356 3.80 20.77 -9.16
C TYR A 356 5.12 20.95 -8.45
N ILE A 357 6.13 21.45 -9.16
CA ILE A 357 7.43 21.74 -8.55
C ILE A 357 7.51 23.26 -8.44
N VAL A 358 7.56 23.75 -7.20
CA VAL A 358 7.32 25.15 -6.90
C VAL A 358 8.41 25.72 -5.99
N ASN A 359 8.54 27.04 -6.04
CA ASN A 359 9.42 27.72 -5.09
C ASN A 359 8.66 27.96 -3.78
N GLU A 360 9.26 28.72 -2.87
CA GLU A 360 8.67 28.92 -1.55
C GLU A 360 7.35 29.68 -1.61
N ASP A 361 7.11 30.43 -2.69
CA ASP A 361 5.86 31.16 -2.90
C ASP A 361 4.85 30.38 -3.72
N LEU A 362 5.08 29.07 -3.89
CA LEU A 362 4.18 28.18 -4.65
C LEU A 362 4.06 28.60 -6.11
N GLN A 363 5.14 29.14 -6.67
CA GLN A 363 5.19 29.50 -8.08
C GLN A 363 5.90 28.40 -8.87
N LEU A 364 5.36 28.06 -10.04
CA LEU A 364 5.82 26.90 -10.81
C LEU A 364 7.19 27.15 -11.44
N LEU A 365 8.02 26.11 -11.44
CA LEU A 365 9.39 26.27 -11.90
C LEU A 365 9.62 25.63 -13.28
N PRO A 366 10.52 26.19 -14.07
CA PRO A 366 10.83 25.61 -15.39
C PRO A 366 11.75 24.40 -15.25
N THR A 367 11.91 23.67 -16.36
CA THR A 367 12.84 22.55 -16.34
C THR A 367 14.22 23.03 -15.91
N GLY A 368 14.90 22.21 -15.12
CA GLY A 368 16.22 22.55 -14.62
C GLY A 368 16.26 23.23 -13.25
N SER A 369 15.13 23.76 -12.77
CA SER A 369 15.11 24.52 -11.53
C SER A 369 14.56 23.68 -10.38
N GLU A 370 15.31 23.63 -9.28
CA GLU A 370 14.90 22.79 -8.16
C GLU A 370 13.90 23.51 -7.26
N GLY A 371 12.90 22.77 -6.79
CA GLY A 371 11.90 23.32 -5.91
C GLY A 371 11.24 22.21 -5.11
N GLU A 372 10.19 22.58 -4.38
CA GLU A 372 9.46 21.60 -3.58
C GLU A 372 8.52 20.81 -4.47
N LEU A 373 8.52 19.50 -4.30
CA LEU A 373 7.57 18.67 -5.04
C LEU A 373 6.24 18.69 -4.30
N CYS A 374 5.19 19.14 -4.99
CA CYS A 374 3.83 19.12 -4.45
C CYS A 374 2.95 18.25 -5.33
N ILE A 375 1.85 17.75 -4.75
CA ILE A 375 1.05 16.72 -5.39
C ILE A 375 -0.42 17.06 -5.30
N GLY A 376 -1.14 16.92 -6.43
CA GLY A 376 -2.58 16.97 -6.43
C GLY A 376 -3.12 15.67 -7.01
N GLY A 377 -4.40 15.45 -6.83
CA GLY A 377 -4.99 14.35 -7.56
C GLY A 377 -5.80 13.43 -6.69
N VAL A 378 -6.24 12.32 -7.29
CA VAL A 378 -7.28 11.50 -6.69
C VAL A 378 -6.78 10.73 -5.48
N GLY A 379 -5.47 10.55 -5.34
CA GLY A 379 -4.92 9.74 -4.28
C GLY A 379 -4.54 10.49 -3.02
N LEU A 380 -4.80 11.79 -2.96
CA LEU A 380 -4.40 12.55 -1.77
C LEU A 380 -5.12 12.05 -0.53
N ALA A 381 -4.38 11.94 0.56
CA ALA A 381 -4.99 11.64 1.84
C ALA A 381 -5.99 12.72 2.24
N ARG A 382 -6.96 12.32 3.06
CA ARG A 382 -7.87 13.30 3.65
C ARG A 382 -7.15 14.26 4.57
N GLY A 383 -6.08 13.83 5.21
CA GLY A 383 -5.37 14.64 6.18
C GLY A 383 -4.80 13.75 7.27
N TYR A 384 -4.47 14.38 8.42
CA TYR A 384 -3.92 13.67 9.56
C TYR A 384 -4.97 13.56 10.66
N TRP A 385 -5.10 12.36 11.23
CA TRP A 385 -6.14 12.12 12.22
C TRP A 385 -6.04 13.07 13.41
N ASN A 386 -7.11 13.82 13.65
CA ASN A 386 -7.23 14.76 14.77
C ASN A 386 -6.07 15.74 14.84
N ARG A 387 -5.53 16.13 13.68
CA ARG A 387 -4.47 17.14 13.58
C ARG A 387 -4.89 18.17 12.53
N PRO A 388 -5.88 19.00 12.85
CA PRO A 388 -6.42 19.92 11.84
C PRO A 388 -5.45 20.99 11.37
N ASP A 389 -4.65 21.55 12.29
CA ASP A 389 -3.71 22.60 11.87
C ASP A 389 -2.58 22.04 11.02
N LEU A 390 -2.01 20.91 11.42
CA LEU A 390 -1.00 20.26 10.59
C LEU A 390 -1.58 19.89 9.23
N THR A 391 -2.80 19.36 9.21
CA THR A 391 -3.43 19.04 7.93
C THR A 391 -3.54 20.29 7.04
N ALA A 392 -3.96 21.41 7.62
CA ALA A 392 -4.12 22.63 6.83
C ALA A 392 -2.79 23.18 6.32
N GLU A 393 -1.71 22.98 7.09
CA GLU A 393 -0.38 23.44 6.69
C GLU A 393 0.19 22.62 5.54
N LYS A 394 -0.07 21.32 5.54
CA LYS A 394 0.52 20.40 4.57
C LYS A 394 -0.37 20.14 3.37
N PHE A 395 -1.68 20.06 3.58
CA PHE A 395 -2.65 19.87 2.49
C PHE A 395 -3.30 21.22 2.21
N VAL A 396 -2.63 22.03 1.42
CA VAL A 396 -3.03 23.42 1.24
C VAL A 396 -4.04 23.52 0.11
N ASP A 397 -4.72 24.66 0.03
CA ASP A 397 -5.55 24.92 -1.12
C ASP A 397 -4.69 24.88 -2.37
N ASN A 398 -5.15 24.15 -3.38
CA ASN A 398 -4.37 24.02 -4.60
C ASN A 398 -4.41 25.35 -5.36
N PRO A 399 -3.30 26.08 -5.45
CA PRO A 399 -3.37 27.41 -6.08
C PRO A 399 -3.65 27.35 -7.56
N PHE A 400 -3.50 26.17 -8.17
CA PHE A 400 -3.66 25.96 -9.60
C PHE A 400 -5.01 25.38 -9.97
N VAL A 401 -5.69 24.70 -9.04
CA VAL A 401 -6.96 24.04 -9.30
C VAL A 401 -7.94 24.46 -8.21
N PRO A 402 -8.80 25.43 -8.46
CA PRO A 402 -9.72 25.90 -7.41
C PRO A 402 -10.57 24.78 -6.86
N GLY A 403 -10.79 24.81 -5.53
CA GLY A 403 -11.63 23.83 -4.89
C GLY A 403 -10.94 22.53 -4.53
N GLU A 404 -9.69 22.33 -4.96
CA GLU A 404 -8.95 21.12 -4.64
C GLU A 404 -7.82 21.45 -3.67
N LYS A 405 -7.20 20.38 -3.16
CA LYS A 405 -6.06 20.49 -2.27
C LYS A 405 -4.79 20.09 -2.99
N MET A 406 -3.66 20.48 -2.39
CA MET A 406 -2.33 20.13 -2.88
C MET A 406 -1.45 19.79 -1.68
N TYR A 407 -0.77 18.65 -1.73
CA TYR A 407 0.06 18.22 -0.61
C TYR A 407 1.50 18.68 -0.82
N ARG A 408 2.07 19.34 0.19
CA ARG A 408 3.46 19.80 0.13
C ARG A 408 4.35 18.73 0.75
N THR A 409 5.19 18.09 -0.08
CA THR A 409 5.91 16.91 0.40
C THR A 409 7.11 17.23 1.27
N GLY A 410 7.71 18.41 1.11
CA GLY A 410 9.01 18.66 1.71
C GLY A 410 10.18 18.05 0.96
N ASP A 411 9.92 17.34 -0.15
CA ASP A 411 10.96 16.80 -1.00
C ASP A 411 11.41 17.83 -2.02
N LEU A 412 12.71 17.85 -2.29
CA LEU A 412 13.32 18.68 -3.32
C LEU A 412 13.39 17.91 -4.64
N ALA A 413 13.06 18.57 -5.74
CA ALA A 413 13.02 17.89 -7.03
C ALA A 413 13.16 18.92 -8.14
N LYS A 414 13.38 18.43 -9.35
CA LYS A 414 13.35 19.30 -10.52
C LYS A 414 12.86 18.53 -11.73
N TRP A 415 12.23 19.25 -12.65
CA TRP A 415 11.87 18.68 -13.94
C TRP A 415 13.10 18.62 -14.82
N LEU A 416 13.30 17.49 -15.49
CA LEU A 416 14.29 17.38 -16.55
C LEU A 416 13.64 17.75 -17.88
N THR A 417 14.48 18.03 -18.88
CA THR A 417 13.93 18.54 -20.14
C THR A 417 13.05 17.54 -20.85
N ASP A 418 13.18 16.24 -20.54
CA ASP A 418 12.34 15.23 -21.14
C ASP A 418 11.04 14.99 -20.37
N GLY A 419 10.76 15.81 -19.35
CA GLY A 419 9.51 15.71 -18.63
C GLY A 419 9.49 14.65 -17.55
N THR A 420 10.63 14.08 -17.21
CA THR A 420 10.74 13.25 -16.01
C THR A 420 11.25 14.11 -14.87
N ILE A 421 11.14 13.57 -13.65
CA ILE A 421 11.45 14.30 -12.43
C ILE A 421 12.69 13.69 -11.80
N GLU A 422 13.61 14.55 -11.38
CA GLU A 422 14.78 14.13 -10.61
C GLU A 422 14.52 14.44 -9.14
N PHE A 423 14.63 13.41 -8.29
CA PHE A 423 14.51 13.57 -6.84
C PHE A 423 15.84 14.03 -6.25
N LEU A 424 15.79 15.04 -5.38
CA LEU A 424 17.01 15.66 -4.85
C LEU A 424 17.02 15.74 -3.33
N GLY A 425 16.35 14.81 -2.65
CA GLY A 425 16.35 14.82 -1.21
C GLY A 425 15.28 15.71 -0.61
N ARG A 426 15.61 16.42 0.47
CA ARG A 426 14.65 17.21 1.23
C ARG A 426 14.94 18.70 1.06
N ILE A 427 13.87 19.50 1.04
CA ILE A 427 14.06 20.95 0.95
C ILE A 427 14.62 21.45 2.29
#